data_6OAL
#
_entry.id   6OAL
#
_cell.length_a   66.302
_cell.length_b   89.053
_cell.length_c   94.290
_cell.angle_alpha   90.00
_cell.angle_beta   90.00
_cell.angle_gamma   90.00
#
_symmetry.space_group_name_H-M   'P 21 21 21'
#
loop_
_entity.id
_entity.type
_entity.pdbx_description
1 polymer 'Poly(ADP-ribose) glycohydrolase'
2 non-polymer 1,3-dimethyl-8-{[2-(morpholin-4-yl)ethyl]sulfanyl}-3,7-dihydro-1H-purine-2,6-dione
3 water water
#
_entity_poly.entity_id   1
_entity_poly.type   'polypeptide(L)'
_entity_poly.pdbx_seq_one_letter_code
;SPDKKWLGTPIEEMRRMPRCGIRLPLLRPSANHTVTIRVDLLRAGEVPKPFPTHYKDLWDNKHVKMPCSEQNLYPVEDEN
GERTAGSRWELIQTALLNKFTRPQNLKDAILKYNVAYSKKWDFTALIDFWDKVLEEAEAQHLYQSILPDMVKIAL(CME)
LPNICTQPIPLLKQKMNHSITMSQEQIASLLANAFFCTFPRRNAKMKSEYSSYPDINFNRLFEGRSSRKPEKLKTLFCYF
RRVTEKKPTGLVTFTRQSLEDFPEWERCEKPLTRLHVTYEGTIEENGQGMLQVDFANRFVGGGVTSAGLVQEEIRFLINP
ELIISRLFTEVLDHNECLIITGTEQYSEYTGYAETYRWSRSHEDGSERDDWQRRCTEIVAIDALHFRRYLDQFVPEKMRR
ELNKAYCGFLRPGVSSENLSAVATGNWGCGAFGGDARLKALIQILAAAAAERDVVYFTFGDSELMRDIYSMHIFLTERKL
TVGDVYKLLLRYYNEECRNCSTPGPDIKLYPFIYHAVESCAETADHSGQRTGT
;
_entity_poly.pdbx_strand_id   A
#
loop_
_chem_comp.id
_chem_comp.type
_chem_comp.name
_chem_comp.formula
M0P non-polymer 1,3-dimethyl-8-{[2-(morpholin-4-yl)ethyl]sulfanyl}-3,7-dihydro-1H-purine-2,6-dione 'C13 H19 N5 O3 S'
#
# COMPACT_ATOMS: atom_id res chain seq x y z
N ASP A 3 14.84 26.94 14.12
CA ASP A 3 15.96 26.51 13.29
C ASP A 3 16.04 24.97 13.20
N LYS A 4 15.89 24.29 14.34
CA LYS A 4 16.12 22.85 14.41
C LYS A 4 15.33 22.11 13.35
N LYS A 5 15.89 20.97 12.91
CA LYS A 5 15.27 20.18 11.85
C LYS A 5 14.20 19.21 12.37
N TRP A 6 14.22 18.89 13.66
CA TRP A 6 13.23 18.02 14.28
C TRP A 6 12.95 18.51 15.70
N LEU A 7 11.77 18.18 16.21
CA LEU A 7 11.33 18.61 17.53
C LEU A 7 10.68 17.45 18.26
N GLY A 8 10.73 17.53 19.59
CA GLY A 8 10.06 16.57 20.44
C GLY A 8 10.97 15.46 20.91
N THR A 9 10.41 14.27 21.04
CA THR A 9 11.19 13.13 21.48
C THR A 9 12.20 12.72 20.41
N PRO A 10 13.45 12.45 20.79
CA PRO A 10 14.42 11.94 19.82
C PRO A 10 13.89 10.68 19.15
N ILE A 11 14.11 10.59 17.84
CA ILE A 11 13.62 9.42 17.10
C ILE A 11 14.30 8.16 17.61
N GLU A 12 15.53 8.30 18.13
CA GLU A 12 16.24 7.14 18.67
C GLU A 12 15.53 6.56 19.88
N GLU A 13 14.66 7.32 20.54
CA GLU A 13 13.92 6.83 21.69
C GLU A 13 12.65 6.10 21.29
N MET A 14 12.29 6.11 20.01
CA MET A 14 11.03 5.49 19.58
C MET A 14 11.22 4.00 19.31
N ARG A 15 10.15 3.23 19.57
CA ARG A 15 10.19 1.79 19.37
C ARG A 15 10.16 1.45 17.88
N ARG A 16 10.97 0.46 17.49
CA ARG A 16 11.08 -0.04 16.12
C ARG A 16 11.15 -1.56 16.13
N MET A 17 10.64 -2.17 15.06
CA MET A 17 10.85 -3.62 14.83
C MET A 17 12.22 -3.85 14.17
N PRO A 18 12.86 -5.00 14.46
CA PRO A 18 12.37 -6.13 15.25
C PRO A 18 12.61 -6.02 16.76
N ARG A 19 13.45 -5.08 17.19
CA ARG A 19 13.85 -5.00 18.60
C ARG A 19 12.65 -5.06 19.54
N CYS A 20 11.56 -4.37 19.20
CA CYS A 20 10.45 -4.19 20.12
C CYS A 20 9.44 -5.33 20.09
N GLY A 21 9.50 -6.21 19.08
CA GLY A 21 8.49 -7.24 18.96
C GLY A 21 8.70 -8.40 19.91
N ILE A 22 7.64 -9.19 20.08
CA ILE A 22 7.75 -10.45 20.79
C ILE A 22 8.07 -11.56 19.77
N ARG A 23 8.57 -12.68 20.27
CA ARG A 23 8.77 -13.84 19.42
C ARG A 23 7.46 -14.17 18.72
N LEU A 24 7.52 -14.33 17.40
CA LEU A 24 6.34 -14.67 16.64
C LEU A 24 5.88 -16.09 16.99
N PRO A 25 4.58 -16.35 17.04
CA PRO A 25 4.11 -17.73 17.14
C PRO A 25 4.50 -18.53 15.90
N LEU A 26 4.39 -19.85 16.03
CA LEU A 26 4.63 -20.73 14.89
C LEU A 26 3.68 -20.39 13.74
N LEU A 27 4.25 -20.10 12.57
CA LEU A 27 3.45 -19.84 11.38
C LEU A 27 2.65 -21.08 11.01
N ARG A 28 1.33 -20.95 10.99
CA ARG A 28 0.51 -22.10 10.74
C ARG A 28 -0.76 -21.62 10.06
N PRO A 29 -1.30 -22.38 9.12
CA PRO A 29 -2.59 -22.02 8.53
C PRO A 29 -3.72 -22.31 9.49
N SER A 30 -4.80 -21.55 9.35
CA SER A 30 -5.96 -21.68 10.22
C SER A 30 -7.15 -21.04 9.52
N ALA A 31 -8.29 -21.02 10.22
CA ALA A 31 -9.49 -20.50 9.61
C ALA A 31 -9.31 -19.05 9.18
N ASN A 32 -8.47 -18.31 9.89
CA ASN A 32 -8.28 -16.89 9.60
C ASN A 32 -6.89 -16.59 9.02
N HIS A 33 -6.12 -17.61 8.61
CA HIS A 33 -4.77 -17.39 8.07
C HIS A 33 -4.50 -18.40 6.96
N THR A 34 -4.47 -17.91 5.72
CA THR A 34 -4.08 -18.69 4.55
C THR A 34 -2.57 -18.64 4.41
N VAL A 35 -1.93 -19.81 4.33
CA VAL A 35 -0.48 -19.90 4.21
C VAL A 35 -0.20 -20.78 3.01
N THR A 36 0.49 -20.22 2.00
CA THR A 36 0.61 -20.85 0.70
C THR A 36 1.96 -21.51 0.48
N ILE A 37 2.76 -21.70 1.53
CA ILE A 37 4.06 -22.33 1.44
C ILE A 37 4.21 -23.36 2.57
N ARG A 38 5.25 -24.19 2.42
CA ARG A 38 5.57 -25.24 3.37
C ARG A 38 6.29 -24.67 4.57
N VAL A 39 5.55 -24.50 5.67
CA VAL A 39 6.16 -23.92 6.87
C VAL A 39 7.24 -24.83 7.40
N ASP A 40 7.03 -26.15 7.32
CA ASP A 40 8.03 -27.09 7.82
C ASP A 40 9.34 -27.01 7.08
N LEU A 41 9.35 -26.47 5.85
CA LEU A 41 10.54 -26.31 5.05
C LEU A 41 11.03 -24.87 4.96
N LEU A 42 10.41 -23.95 5.68
CA LEU A 42 10.83 -22.56 5.55
C LEU A 42 12.18 -22.38 6.20
N ARG A 43 13.15 -21.88 5.45
CA ARG A 43 14.52 -21.76 5.90
C ARG A 43 15.14 -20.48 5.32
N ALA A 44 15.86 -19.76 6.17
CA ALA A 44 16.50 -18.52 5.75
C ALA A 44 17.38 -18.74 4.52
N GLY A 45 17.21 -17.87 3.52
CA GLY A 45 17.99 -17.92 2.31
C GLY A 45 17.60 -19.00 1.32
N GLU A 46 16.54 -19.74 1.58
CA GLU A 46 16.02 -20.77 0.70
C GLU A 46 14.71 -20.31 0.09
N VAL A 47 14.54 -20.58 -1.21
CA VAL A 47 13.27 -20.31 -1.84
C VAL A 47 12.18 -21.15 -1.17
N PRO A 48 11.10 -20.55 -0.70
CA PRO A 48 10.03 -21.36 -0.09
C PRO A 48 9.38 -22.31 -1.08
N LYS A 49 8.96 -23.49 -0.55
CA LYS A 49 8.30 -24.52 -1.36
C LYS A 49 6.78 -24.31 -1.33
N PRO A 50 6.11 -24.21 -2.46
CA PRO A 50 4.66 -24.06 -2.42
C PRO A 50 3.97 -25.24 -1.74
N PHE A 51 2.88 -24.92 -1.03
CA PHE A 51 1.97 -25.93 -0.52
C PHE A 51 0.57 -25.63 -1.02
N PRO A 52 -0.12 -26.60 -1.63
CA PRO A 52 0.28 -27.99 -1.83
C PRO A 52 1.27 -28.16 -2.96
N THR A 53 1.67 -29.40 -3.21
CA THR A 53 2.69 -29.66 -4.22
C THR A 53 2.11 -29.56 -5.63
N HIS A 54 0.88 -30.02 -5.81
CA HIS A 54 0.17 -29.99 -7.08
C HIS A 54 -0.94 -28.94 -7.05
N TYR A 55 -1.11 -28.21 -8.16
CA TYR A 55 -2.11 -27.15 -8.29
C TYR A 55 -3.50 -27.63 -7.87
N LYS A 56 -4.16 -26.82 -7.05
CA LYS A 56 -5.57 -27.00 -6.70
C LYS A 56 -6.29 -25.72 -7.07
N ASP A 57 -7.43 -25.86 -7.74
CA ASP A 57 -8.16 -24.73 -8.30
C ASP A 57 -9.49 -24.52 -7.57
N LEU A 58 -9.82 -23.26 -7.31
CA LEU A 58 -11.17 -22.88 -6.92
C LEU A 58 -11.58 -21.73 -7.80
N TRP A 59 -12.71 -21.87 -8.46
CA TRP A 59 -13.26 -20.86 -9.37
C TRP A 59 -14.64 -20.51 -8.82
N ASP A 60 -14.69 -19.52 -7.93
CA ASP A 60 -15.94 -19.16 -7.27
C ASP A 60 -15.86 -17.70 -6.81
N ASN A 61 -16.90 -17.26 -6.08
CA ASN A 61 -17.02 -15.86 -5.68
C ASN A 61 -16.22 -15.51 -4.42
N LYS A 62 -15.45 -16.45 -3.89
CA LYS A 62 -14.69 -16.22 -2.68
C LYS A 62 -13.18 -16.32 -2.86
N HIS A 63 -12.71 -16.57 -4.09
CA HIS A 63 -11.29 -16.77 -4.33
C HIS A 63 -10.89 -16.06 -5.61
N VAL A 64 -9.58 -15.78 -5.71
CA VAL A 64 -9.04 -15.23 -6.95
C VAL A 64 -9.36 -16.19 -8.08
N LYS A 65 -9.82 -15.65 -9.21
CA LYS A 65 -9.98 -16.45 -10.41
C LYS A 65 -8.65 -16.48 -11.17
N MET A 66 -7.97 -17.61 -11.10
CA MET A 66 -6.62 -17.71 -11.63
C MET A 66 -6.63 -17.84 -13.14
N PRO A 67 -5.68 -17.22 -13.85
CA PRO A 67 -5.66 -17.34 -15.31
C PRO A 67 -5.42 -18.76 -15.79
N CYS A 68 -4.80 -19.60 -14.97
CA CYS A 68 -4.47 -20.96 -15.34
C CYS A 68 -5.57 -21.94 -14.97
N SER A 69 -6.69 -21.45 -14.44
CA SER A 69 -7.82 -22.31 -14.13
C SER A 69 -8.34 -22.98 -15.39
N GLU A 70 -8.67 -24.27 -15.29
CA GLU A 70 -9.33 -24.91 -16.42
C GLU A 70 -10.71 -24.31 -16.68
N GLN A 71 -11.27 -23.54 -15.73
CA GLN A 71 -12.54 -22.84 -15.91
C GLN A 71 -12.40 -21.50 -16.63
N ASN A 72 -11.18 -21.06 -16.90
CA ASN A 72 -10.92 -19.84 -17.66
C ASN A 72 -10.99 -20.15 -19.15
N LEU A 73 -12.18 -19.94 -19.70
CA LEU A 73 -12.52 -20.38 -21.04
C LEU A 73 -12.85 -19.20 -21.93
N TYR A 74 -12.81 -19.44 -23.23
CA TYR A 74 -13.26 -18.45 -24.20
C TYR A 74 -14.01 -19.08 -25.37
N ALA A 85 -15.99 -24.01 -26.63
CA ALA A 85 -15.16 -23.34 -25.62
C ALA A 85 -13.68 -23.70 -25.78
N GLY A 86 -12.82 -22.68 -25.65
CA GLY A 86 -11.38 -22.87 -25.69
C GLY A 86 -10.76 -22.55 -24.35
N SER A 87 -9.52 -23.00 -24.13
CA SER A 87 -8.79 -22.76 -22.89
C SER A 87 -8.02 -21.46 -23.01
N ARG A 88 -8.40 -20.49 -22.18
CA ARG A 88 -7.73 -19.19 -22.17
C ARG A 88 -6.27 -19.31 -21.77
N TRP A 89 -5.96 -20.19 -20.81
CA TRP A 89 -4.57 -20.41 -20.41
C TRP A 89 -3.74 -20.97 -21.54
N GLU A 90 -4.30 -21.89 -22.35
CA GLU A 90 -3.57 -22.35 -23.53
C GLU A 90 -3.33 -21.21 -24.50
N LEU A 91 -4.31 -20.34 -24.65
CA LEU A 91 -4.16 -19.21 -25.56
C LEU A 91 -3.07 -18.26 -25.07
N ILE A 92 -3.04 -18.01 -23.76
CA ILE A 92 -2.01 -17.16 -23.16
C ILE A 92 -0.62 -17.73 -23.42
N GLN A 93 -0.45 -19.05 -23.20
CA GLN A 93 0.83 -19.69 -23.48
C GLN A 93 1.24 -19.49 -24.92
N THR A 94 0.33 -19.75 -25.85
CA THR A 94 0.67 -19.64 -27.26
C THR A 94 1.01 -18.19 -27.63
N ALA A 95 0.25 -17.24 -27.07
CA ALA A 95 0.50 -15.84 -27.37
C ALA A 95 1.84 -15.37 -26.82
N LEU A 96 2.16 -15.73 -25.59
CA LEU A 96 3.34 -15.15 -24.95
C LEU A 96 4.64 -15.86 -25.29
N LEU A 97 4.60 -17.09 -25.80
CA LEU A 97 5.80 -17.83 -26.17
C LEU A 97 6.22 -17.55 -27.61
N ASN A 98 6.26 -16.28 -27.95
CA ASN A 98 6.75 -15.81 -29.22
C ASN A 98 7.88 -14.83 -28.98
N LYS A 99 8.81 -14.75 -29.92
CA LYS A 99 9.87 -13.77 -29.81
C LYS A 99 9.26 -12.37 -29.92
N PHE A 100 9.71 -11.47 -29.06
CA PHE A 100 9.39 -10.05 -29.16
C PHE A 100 10.65 -9.34 -29.63
N THR A 101 10.54 -8.57 -30.69
CA THR A 101 11.63 -7.70 -31.09
C THR A 101 11.19 -6.26 -31.20
N ARG A 102 9.90 -6.00 -31.24
CA ARG A 102 9.31 -4.67 -31.39
C ARG A 102 8.11 -4.57 -30.47
N PRO A 103 7.79 -3.37 -29.97
CA PRO A 103 6.68 -3.28 -29.01
C PRO A 103 5.36 -3.72 -29.58
N GLN A 104 5.11 -3.55 -30.88
CA GLN A 104 3.86 -4.07 -31.42
C GLN A 104 3.72 -5.57 -31.18
N ASN A 105 4.83 -6.32 -31.13
CA ASN A 105 4.74 -7.76 -30.90
C ASN A 105 4.12 -8.03 -29.54
N LEU A 106 4.47 -7.22 -28.53
CA LEU A 106 3.96 -7.44 -27.18
C LEU A 106 2.52 -6.98 -27.07
N LYS A 107 2.18 -5.83 -27.68
CA LYS A 107 0.78 -5.45 -27.76
C LYS A 107 -0.05 -6.56 -28.39
N ASP A 108 0.39 -7.07 -29.56
CA ASP A 108 -0.40 -8.09 -30.24
C ASP A 108 -0.55 -9.35 -29.38
N ALA A 109 0.50 -9.72 -28.66
CA ALA A 109 0.43 -10.90 -27.80
C ALA A 109 -0.62 -10.74 -26.72
N ILE A 110 -0.58 -9.63 -25.98
CA ILE A 110 -1.52 -9.38 -24.89
C ILE A 110 -2.94 -9.35 -25.43
N LEU A 111 -3.13 -8.78 -26.61
CA LEU A 111 -4.48 -8.66 -27.15
C LEU A 111 -5.02 -9.98 -27.69
N LYS A 112 -4.18 -10.97 -27.92
CA LYS A 112 -4.69 -12.25 -28.44
C LYS A 112 -5.64 -12.91 -27.46
N TYR A 113 -5.42 -12.73 -26.16
CA TYR A 113 -6.34 -13.26 -25.16
C TYR A 113 -7.14 -12.14 -24.49
N ASN A 114 -7.24 -10.99 -25.14
CA ASN A 114 -8.03 -9.86 -24.66
C ASN A 114 -8.71 -9.19 -25.83
N VAL A 115 -9.27 -10.01 -26.73
CA VAL A 115 -9.79 -9.52 -28.00
C VAL A 115 -10.85 -8.44 -27.79
N ALA A 116 -11.68 -8.60 -26.76
CA ALA A 116 -12.75 -7.65 -26.47
C ALA A 116 -12.22 -6.26 -26.18
N TYR A 117 -10.96 -6.11 -25.82
CA TYR A 117 -10.38 -4.81 -25.45
C TYR A 117 -9.42 -4.28 -26.50
N SER A 118 -9.38 -4.90 -27.69
CA SER A 118 -8.41 -4.51 -28.71
C SER A 118 -8.60 -3.09 -29.22
N LYS A 119 -9.81 -2.55 -29.11
CA LYS A 119 -10.06 -1.16 -29.50
C LYS A 119 -10.09 -0.22 -28.30
N LYS A 120 -10.20 -0.74 -27.09
CA LYS A 120 -10.32 0.08 -25.89
C LYS A 120 -8.99 0.33 -25.18
N TRP A 121 -8.06 -0.60 -25.31
CA TRP A 121 -6.78 -0.50 -24.63
C TRP A 121 -5.75 0.14 -25.54
N ASP A 122 -5.19 1.23 -25.07
CA ASP A 122 -4.15 1.98 -25.75
C ASP A 122 -2.78 1.56 -25.21
N PHE A 123 -1.82 1.36 -26.11
CA PHE A 123 -0.47 0.94 -25.72
C PHE A 123 0.58 1.99 -26.01
N THR A 124 0.16 3.25 -26.16
CA THR A 124 1.09 4.30 -26.57
C THR A 124 2.26 4.44 -25.60
N ALA A 125 2.01 4.38 -24.28
CA ALA A 125 3.10 4.54 -23.31
C ALA A 125 4.11 3.40 -23.40
N LEU A 126 3.64 2.18 -23.66
CA LEU A 126 4.56 1.04 -23.80
C LEU A 126 5.40 1.18 -25.07
N ILE A 127 4.75 1.56 -26.18
CA ILE A 127 5.47 1.77 -27.42
C ILE A 127 6.51 2.88 -27.27
N ASP A 128 6.12 3.99 -26.65
CA ASP A 128 7.04 5.11 -26.45
C ASP A 128 8.18 4.75 -25.53
N PHE A 129 7.90 4.02 -24.43
CA PHE A 129 8.97 3.60 -23.54
C PHE A 129 10.02 2.81 -24.32
N TRP A 130 9.57 1.82 -25.07
CA TRP A 130 10.46 0.90 -25.74
C TRP A 130 11.21 1.60 -26.88
N ASP A 131 10.49 2.33 -27.72
CA ASP A 131 11.07 2.91 -28.92
C ASP A 131 11.68 4.28 -28.72
N LYS A 132 11.13 5.09 -27.81
CA LYS A 132 11.49 6.50 -27.72
C LYS A 132 12.18 6.91 -26.43
N VAL A 133 12.09 6.11 -25.38
CA VAL A 133 12.79 6.45 -24.14
C VAL A 133 14.07 5.65 -24.03
N LEU A 134 13.96 4.32 -24.10
CA LEU A 134 15.12 3.45 -23.98
C LEU A 134 16.13 3.67 -25.10
N GLU A 135 17.41 3.62 -24.75
CA GLU A 135 18.42 3.53 -25.79
C GLU A 135 18.41 2.12 -26.39
N GLU A 136 19.15 1.94 -27.48
CA GLU A 136 19.03 0.70 -28.24
C GLU A 136 19.43 -0.51 -27.39
N ALA A 137 20.52 -0.40 -26.62
CA ALA A 137 20.97 -1.54 -25.81
C ALA A 137 19.96 -1.88 -24.72
N GLU A 138 19.35 -0.87 -24.11
N GLU A 138 19.34 -0.87 -24.12
CA GLU A 138 18.35 -1.11 -23.07
CA GLU A 138 18.36 -1.11 -23.07
C GLU A 138 17.13 -1.80 -23.64
C GLU A 138 17.11 -1.78 -23.63
N ALA A 139 16.65 -1.34 -24.79
CA ALA A 139 15.54 -2.01 -25.44
C ALA A 139 15.90 -3.44 -25.76
N GLN A 140 17.13 -3.65 -26.25
CA GLN A 140 17.57 -5.00 -26.58
C GLN A 140 17.54 -5.90 -25.35
N HIS A 141 18.04 -5.39 -24.22
CA HIS A 141 17.98 -6.16 -22.98
C HIS A 141 16.54 -6.44 -22.58
N LEU A 142 15.65 -5.44 -22.73
CA LEU A 142 14.25 -5.64 -22.41
C LEU A 142 13.65 -6.83 -23.18
N TYR A 143 13.85 -6.88 -24.49
CA TYR A 143 13.14 -7.90 -25.25
C TYR A 143 13.92 -9.20 -25.41
N GLN A 144 15.23 -9.19 -25.20
CA GLN A 144 15.99 -10.45 -25.28
C GLN A 144 16.07 -11.16 -23.95
N SER A 145 15.95 -10.43 -22.84
CA SER A 145 16.13 -10.99 -21.52
C SER A 145 14.96 -10.75 -20.58
N ILE A 146 14.64 -9.48 -20.27
CA ILE A 146 13.67 -9.19 -19.21
C ILE A 146 12.28 -9.74 -19.56
N LEU A 147 11.73 -9.35 -20.73
CA LEU A 147 10.40 -9.82 -21.09
C LEU A 147 10.30 -11.34 -21.18
N PRO A 148 11.23 -12.05 -21.84
CA PRO A 148 11.12 -13.52 -21.87
C PRO A 148 11.17 -14.15 -20.49
N ASP A 149 11.98 -13.60 -19.60
CA ASP A 149 12.03 -14.10 -18.22
C ASP A 149 10.73 -13.80 -17.48
N MET A 150 10.14 -12.64 -17.72
CA MET A 150 8.83 -12.37 -17.13
C MET A 150 7.77 -13.32 -17.66
N VAL A 151 7.81 -13.63 -18.96
CA VAL A 151 6.87 -14.59 -19.51
C VAL A 151 7.02 -15.93 -18.82
N LYS A 152 8.27 -16.37 -18.63
CA LYS A 152 8.51 -17.69 -18.04
C LYS A 152 7.98 -17.76 -16.60
N ILE A 153 8.23 -16.74 -15.77
CA ILE A 153 7.71 -16.83 -14.41
C ILE A 153 6.19 -16.71 -14.41
N ALA A 154 5.61 -15.91 -15.33
CA ALA A 154 4.15 -15.86 -15.45
C ALA A 154 3.58 -17.23 -15.79
N LEU A 155 4.16 -17.90 -16.77
CA LEU A 155 3.58 -19.15 -17.24
C LEU A 155 3.83 -20.31 -16.26
N CME A 156 4.70 -20.09 -15.28
CA CME A 156 4.99 -21.06 -14.20
CB CME A 156 6.34 -20.83 -13.62
SG CME A 156 7.73 -21.66 -14.44
SD CME A 156 7.43 -23.63 -13.94
CE CME A 156 9.01 -24.36 -14.42
CZ CME A 156 8.73 -25.52 -15.28
OH CME A 156 7.53 -25.32 -15.97
C CME A 156 3.93 -20.98 -13.11
O CME A 156 4.00 -21.73 -12.19
H CME A 156 5.18 -19.31 -15.20
HA CME A 156 4.98 -21.97 -14.59
HB2 CME A 156 6.32 -21.14 -12.68
HB3 CME A 156 6.52 -19.85 -13.63
HE2 CME A 156 9.50 -24.65 -13.63
HE3 CME A 156 9.55 -23.70 -14.91
HZ2 CME A 156 8.66 -26.33 -14.74
HZ3 CME A 156 9.45 -25.64 -15.92
HH CME A 156 7.00 -24.90 -15.46
N LEU A 157 2.95 -20.09 -13.23
CA LEU A 157 1.98 -19.89 -12.15
C LEU A 157 1.37 -21.16 -11.53
N PRO A 158 0.93 -22.12 -12.34
CA PRO A 158 0.29 -23.31 -11.74
C PRO A 158 1.24 -24.11 -10.86
N ASN A 159 2.55 -24.03 -11.05
CA ASN A 159 3.51 -24.74 -10.23
C ASN A 159 3.97 -23.91 -9.06
N ILE A 160 3.65 -22.62 -9.06
CA ILE A 160 4.11 -21.68 -8.06
C ILE A 160 3.01 -21.33 -7.07
N CYS A 161 1.85 -20.93 -7.58
CA CYS A 161 0.68 -20.59 -6.76
C CYS A 161 -0.30 -21.76 -6.81
N THR A 162 0.07 -22.80 -6.10
CA THR A 162 -0.69 -24.06 -6.14
C THR A 162 -1.94 -24.03 -5.30
N GLN A 163 -2.06 -23.11 -4.34
CA GLN A 163 -3.15 -23.06 -3.41
C GLN A 163 -4.08 -21.90 -3.73
N PRO A 164 -5.39 -22.13 -3.77
CA PRO A 164 -6.31 -21.02 -4.01
C PRO A 164 -6.10 -19.89 -3.03
N ILE A 165 -6.23 -18.67 -3.57
CA ILE A 165 -6.03 -17.44 -2.81
C ILE A 165 -7.41 -16.88 -2.49
N PRO A 166 -7.82 -16.83 -1.23
CA PRO A 166 -9.11 -16.24 -0.89
C PRO A 166 -9.10 -14.75 -1.09
N LEU A 167 -10.24 -14.22 -1.49
CA LEU A 167 -10.45 -12.80 -1.48
C LEU A 167 -10.54 -12.30 -0.04
N LEU A 168 -9.84 -11.20 0.23
CA LEU A 168 -9.98 -10.49 1.51
C LEU A 168 -11.16 -9.54 1.32
N LYS A 169 -12.33 -10.09 1.58
CA LYS A 169 -13.56 -9.38 1.34
C LYS A 169 -13.96 -8.49 2.53
N GLN A 170 -14.85 -7.56 2.23
CA GLN A 170 -15.38 -6.63 3.23
C GLN A 170 -15.84 -7.38 4.47
N LYS A 171 -15.42 -6.89 5.62
CA LYS A 171 -15.79 -7.41 6.95
C LYS A 171 -15.00 -8.66 7.31
N MET A 172 -14.14 -9.18 6.43
CA MET A 172 -13.29 -10.29 6.82
C MET A 172 -12.11 -9.82 7.63
N ASN A 173 -11.84 -10.51 8.72
CA ASN A 173 -10.61 -10.40 9.48
C ASN A 173 -9.82 -11.63 9.09
N HIS A 174 -8.88 -11.48 8.17
CA HIS A 174 -8.24 -12.62 7.55
C HIS A 174 -6.86 -12.20 7.07
N SER A 175 -5.93 -13.15 7.07
CA SER A 175 -4.56 -12.92 6.62
C SER A 175 -4.17 -13.93 5.56
N ILE A 176 -3.33 -13.49 4.61
CA ILE A 176 -2.71 -14.35 3.62
C ILE A 176 -1.21 -14.18 3.73
N THR A 177 -0.48 -15.29 3.91
CA THR A 177 0.97 -15.25 3.93
C THR A 177 1.47 -16.08 2.76
N MET A 178 2.21 -15.45 1.86
CA MET A 178 2.67 -16.05 0.62
C MET A 178 4.14 -15.71 0.41
N SER A 179 4.80 -16.38 -0.52
CA SER A 179 6.20 -16.04 -0.74
C SER A 179 6.33 -14.87 -1.72
N GLN A 180 7.47 -14.17 -1.61
CA GLN A 180 7.82 -13.14 -2.59
C GLN A 180 7.86 -13.71 -4.00
N GLU A 181 8.34 -14.97 -4.13
CA GLU A 181 8.37 -15.60 -5.44
C GLU A 181 6.97 -15.79 -5.99
N GLN A 182 6.03 -16.27 -5.16
CA GLN A 182 4.65 -16.38 -5.60
C GLN A 182 4.11 -15.03 -6.07
N ILE A 183 4.40 -13.97 -5.31
CA ILE A 183 3.95 -12.64 -5.68
C ILE A 183 4.52 -12.24 -7.04
N ALA A 184 5.79 -12.58 -7.29
CA ALA A 184 6.41 -12.20 -8.56
C ALA A 184 5.74 -12.89 -9.73
N SER A 185 5.37 -14.16 -9.58
CA SER A 185 4.66 -14.84 -10.66
C SER A 185 3.30 -14.19 -10.90
N LEU A 186 2.58 -13.85 -9.81
CA LEU A 186 1.30 -13.19 -9.96
C LEU A 186 1.42 -11.81 -10.60
N LEU A 187 2.43 -11.03 -10.22
CA LEU A 187 2.58 -9.70 -10.79
C LEU A 187 3.04 -9.75 -12.23
N ALA A 188 3.79 -10.80 -12.63
CA ALA A 188 4.12 -10.95 -14.03
C ALA A 188 2.85 -11.22 -14.84
N ASN A 189 1.97 -12.06 -14.31
CA ASN A 189 0.67 -12.22 -14.94
C ASN A 189 -0.10 -10.89 -15.02
N ALA A 190 -0.07 -10.08 -13.96
CA ALA A 190 -0.74 -8.78 -14.03
C ALA A 190 -0.17 -7.92 -15.14
N PHE A 191 1.16 -7.92 -15.30
CA PHE A 191 1.81 -7.15 -16.33
C PHE A 191 1.29 -7.56 -17.70
N PHE A 192 1.18 -8.87 -17.94
CA PHE A 192 0.70 -9.37 -19.23
C PHE A 192 -0.84 -9.41 -19.30
N CYS A 193 -1.54 -8.86 -18.30
CA CYS A 193 -2.98 -8.65 -18.34
C CYS A 193 -3.75 -9.98 -18.49
N THR A 194 -3.32 -10.99 -17.72
CA THR A 194 -3.94 -12.31 -17.84
C THR A 194 -5.06 -12.61 -16.86
N PHE A 195 -5.33 -11.75 -15.87
CA PHE A 195 -6.31 -12.09 -14.84
C PHE A 195 -7.71 -11.94 -15.41
N PRO A 196 -8.52 -12.99 -15.46
CA PRO A 196 -9.85 -12.89 -16.07
C PRO A 196 -10.86 -12.25 -15.12
N ARG A 197 -11.90 -11.67 -15.73
CA ARG A 197 -13.01 -11.02 -15.04
C ARG A 197 -12.60 -9.73 -14.33
N ARG A 198 -11.44 -9.18 -14.66
CA ARG A 198 -10.91 -8.00 -13.96
C ARG A 198 -10.82 -6.77 -14.86
N ASN A 199 -11.46 -6.80 -16.02
CA ASN A 199 -11.22 -5.80 -17.06
C ASN A 199 -12.39 -4.92 -17.41
N ALA A 200 -13.61 -5.42 -17.36
CA ALA A 200 -14.73 -4.68 -17.94
C ALA A 200 -15.07 -3.43 -17.15
N LYS A 201 -15.31 -2.33 -17.86
CA LYS A 201 -15.74 -1.09 -17.22
C LYS A 201 -17.04 -1.30 -16.43
N MET A 202 -17.99 -2.05 -16.99
CA MET A 202 -19.31 -2.23 -16.39
C MET A 202 -19.48 -3.61 -15.74
N LYS A 203 -18.44 -4.12 -15.12
CA LYS A 203 -18.54 -5.41 -14.45
C LYS A 203 -19.26 -5.25 -13.12
N SER A 204 -19.97 -6.30 -12.71
CA SER A 204 -20.52 -6.38 -11.36
C SER A 204 -19.63 -7.21 -10.46
N GLU A 205 -19.28 -8.41 -10.91
CA GLU A 205 -18.22 -9.16 -10.25
C GLU A 205 -16.96 -8.32 -10.25
N TYR A 206 -16.33 -8.21 -9.08
CA TYR A 206 -15.08 -7.47 -8.89
C TYR A 206 -15.22 -5.96 -9.09
N SER A 207 -16.44 -5.42 -9.14
CA SER A 207 -16.61 -3.96 -9.23
C SER A 207 -16.13 -3.25 -7.98
N SER A 208 -16.12 -3.94 -6.85
CA SER A 208 -15.64 -3.40 -5.59
C SER A 208 -14.18 -3.74 -5.34
N TYR A 209 -13.44 -4.16 -6.36
CA TYR A 209 -12.03 -4.48 -6.20
C TYR A 209 -11.20 -3.56 -7.09
N PRO A 210 -9.95 -3.28 -6.74
CA PRO A 210 -9.12 -2.41 -7.58
C PRO A 210 -8.77 -3.12 -8.89
N ASP A 211 -8.29 -2.33 -9.86
CA ASP A 211 -7.69 -2.91 -11.05
C ASP A 211 -6.44 -3.69 -10.66
N ILE A 212 -6.19 -4.78 -11.36
CA ILE A 212 -4.97 -5.54 -11.15
C ILE A 212 -4.18 -5.68 -12.44
N ASN A 213 -4.84 -5.92 -13.57
CA ASN A 213 -4.08 -6.02 -14.81
C ASN A 213 -3.49 -4.65 -15.13
N PHE A 214 -2.30 -4.64 -15.74
CA PHE A 214 -1.51 -3.43 -15.90
C PHE A 214 -1.83 -2.63 -17.16
N ASN A 215 -2.94 -2.91 -17.85
CA ASN A 215 -3.10 -2.31 -19.17
C ASN A 215 -3.08 -0.77 -19.14
N ARG A 216 -3.59 -0.14 -18.08
CA ARG A 216 -3.60 1.33 -18.07
C ARG A 216 -2.22 1.92 -17.86
N LEU A 217 -1.24 1.10 -17.46
N LEU A 217 -1.24 1.13 -17.45
CA LEU A 217 0.15 1.53 -17.41
CA LEU A 217 0.13 1.63 -17.43
C LEU A 217 0.74 1.73 -18.80
C LEU A 217 0.64 1.89 -18.85
N PHE A 218 0.07 1.20 -19.83
CA PHE A 218 0.54 1.28 -21.21
C PHE A 218 -0.12 2.38 -21.99
N GLU A 219 -1.10 3.08 -21.42
CA GLU A 219 -1.89 4.02 -22.22
C GLU A 219 -1.36 5.45 -22.01
N GLY A 220 -1.51 6.28 -23.05
CA GLY A 220 -1.20 7.70 -22.97
C GLY A 220 0.27 8.07 -23.16
N ARG A 221 0.54 9.38 -23.01
CA ARG A 221 1.88 9.92 -23.23
CA ARG A 221 1.88 9.92 -23.22
C ARG A 221 2.43 10.70 -22.04
N SER A 222 1.96 10.45 -20.83
CA SER A 222 2.52 11.19 -19.72
C SER A 222 4.00 10.85 -19.61
N SER A 223 4.81 11.85 -19.25
CA SER A 223 6.18 11.56 -18.91
C SER A 223 6.27 10.70 -17.66
N ARG A 224 5.14 10.55 -16.94
CA ARG A 224 5.10 9.71 -15.74
C ARG A 224 5.28 8.24 -16.07
N LYS A 225 4.72 7.81 -17.19
CA LYS A 225 4.65 6.39 -17.47
C LYS A 225 6.00 5.74 -17.64
N PRO A 226 6.95 6.33 -18.37
CA PRO A 226 8.28 5.72 -18.47
C PRO A 226 8.93 5.61 -17.13
N GLU A 227 8.68 6.54 -16.22
CA GLU A 227 9.25 6.43 -14.89
C GLU A 227 8.62 5.26 -14.15
N LYS A 228 7.29 5.13 -14.23
CA LYS A 228 6.63 3.97 -13.61
C LYS A 228 7.18 2.69 -14.19
N LEU A 229 7.37 2.65 -15.52
CA LEU A 229 7.84 1.43 -16.18
C LEU A 229 9.28 1.12 -15.80
N LYS A 230 10.17 2.11 -15.75
CA LYS A 230 11.51 1.90 -15.22
C LYS A 230 11.46 1.29 -13.82
N THR A 231 10.58 1.82 -12.97
CA THR A 231 10.54 1.34 -11.60
C THR A 231 10.09 -0.12 -11.55
N LEU A 232 9.08 -0.47 -12.35
CA LEU A 232 8.58 -1.84 -12.34
C LEU A 232 9.54 -2.80 -13.01
N PHE A 233 10.18 -2.40 -14.12
CA PHE A 233 11.11 -3.31 -14.76
C PHE A 233 12.35 -3.51 -13.89
N CYS A 234 12.70 -2.55 -13.04
CA CYS A 234 13.78 -2.78 -12.08
C CYS A 234 13.43 -3.95 -11.17
N TYR A 235 12.22 -3.92 -10.62
CA TYR A 235 11.72 -5.05 -9.83
C TYR A 235 11.69 -6.33 -10.64
N PHE A 236 11.13 -6.31 -11.85
CA PHE A 236 10.99 -7.57 -12.58
C PHE A 236 12.34 -8.15 -12.96
N ARG A 237 13.31 -7.31 -13.33
CA ARG A 237 14.66 -7.77 -13.63
C ARG A 237 15.29 -8.44 -12.41
N ARG A 238 15.08 -7.85 -11.23
CA ARG A 238 15.64 -8.37 -10.00
C ARG A 238 15.06 -9.75 -9.66
N VAL A 239 13.73 -9.88 -9.68
CA VAL A 239 13.11 -11.09 -9.14
C VAL A 239 13.06 -12.22 -10.14
N THR A 240 13.22 -11.95 -11.44
CA THR A 240 13.44 -13.04 -12.38
C THR A 240 14.89 -13.49 -12.39
N GLU A 241 15.84 -12.59 -12.11
CA GLU A 241 17.26 -12.96 -12.11
C GLU A 241 17.60 -13.88 -10.96
N LYS A 242 17.04 -13.60 -9.77
CA LYS A 242 17.32 -14.37 -8.58
C LYS A 242 16.09 -14.32 -7.69
N LYS A 243 15.47 -15.46 -7.47
CA LYS A 243 14.21 -15.51 -6.74
C LYS A 243 14.37 -14.93 -5.34
N PRO A 244 13.53 -14.01 -4.93
CA PRO A 244 13.54 -13.59 -3.52
C PRO A 244 13.11 -14.76 -2.65
N THR A 245 13.62 -14.78 -1.42
CA THR A 245 13.43 -15.96 -0.59
C THR A 245 12.45 -15.78 0.55
N GLY A 246 11.90 -14.59 0.76
CA GLY A 246 11.12 -14.31 1.93
C GLY A 246 9.63 -14.46 1.70
N LEU A 247 8.88 -14.09 2.76
CA LEU A 247 7.43 -14.14 2.77
C LEU A 247 6.87 -12.73 2.98
N VAL A 248 5.60 -12.58 2.62
CA VAL A 248 4.80 -11.36 2.83
C VAL A 248 3.44 -11.74 3.38
N THR A 249 2.95 -10.99 4.38
CA THR A 249 1.62 -11.18 4.95
C THR A 249 0.73 -9.99 4.62
N PHE A 250 -0.49 -10.28 4.19
CA PHE A 250 -1.54 -9.32 3.89
C PHE A 250 -2.66 -9.61 4.87
N THR A 251 -3.01 -8.62 5.69
CA THR A 251 -4.04 -8.79 6.71
C THR A 251 -5.10 -7.72 6.54
N ARG A 252 -6.35 -8.15 6.32
CA ARG A 252 -7.46 -7.21 6.37
C ARG A 252 -7.96 -7.19 7.81
N GLN A 253 -8.12 -5.98 8.36
CA GLN A 253 -8.56 -5.81 9.73
C GLN A 253 -9.79 -4.93 9.76
N SER A 254 -10.83 -5.42 10.42
CA SER A 254 -12.15 -4.79 10.49
C SER A 254 -12.50 -4.72 11.97
N LEU A 255 -12.66 -3.51 12.51
CA LEU A 255 -12.97 -3.38 13.93
C LEU A 255 -14.41 -2.92 14.13
N GLU A 256 -14.97 -3.30 15.26
CA GLU A 256 -16.28 -2.77 15.62
C GLU A 256 -16.32 -2.16 17.00
N ASP A 257 -15.31 -2.37 17.83
CA ASP A 257 -15.24 -1.80 19.16
C ASP A 257 -14.36 -0.57 19.07
N PHE A 258 -15.01 0.63 18.83
CA PHE A 258 -14.22 1.86 18.72
C PHE A 258 -14.35 2.70 19.99
N PRO A 259 -13.36 3.54 20.27
CA PRO A 259 -13.42 4.38 21.47
C PRO A 259 -14.63 5.29 21.46
N GLU A 260 -15.18 5.52 22.65
CA GLU A 260 -16.08 6.66 22.86
C GLU A 260 -15.16 7.84 23.09
N TRP A 261 -14.84 8.56 22.00
CA TRP A 261 -13.71 9.48 22.04
C TRP A 261 -13.89 10.57 23.10
N GLU A 262 -15.11 11.07 23.25
CA GLU A 262 -15.37 12.14 24.23
C GLU A 262 -15.10 11.69 25.66
N ARG A 263 -15.15 10.39 25.95
CA ARG A 263 -14.96 9.88 27.30
C ARG A 263 -13.60 9.23 27.51
N CYS A 264 -12.70 9.28 26.52
CA CYS A 264 -11.47 8.54 26.61
C CYS A 264 -10.49 9.25 27.53
N GLU A 265 -10.08 8.59 28.60
CA GLU A 265 -9.21 9.20 29.61
C GLU A 265 -7.74 8.91 29.38
N LYS A 266 -7.40 8.31 28.24
CA LYS A 266 -6.02 7.99 27.95
C LYS A 266 -5.21 9.26 27.71
N PRO A 267 -3.97 9.31 28.20
CA PRO A 267 -3.10 10.45 27.94
C PRO A 267 -2.55 10.39 26.51
N LEU A 268 -1.99 11.51 26.07
CA LEU A 268 -1.29 11.51 24.80
C LEU A 268 0.05 10.78 24.93
N THR A 269 0.55 10.29 23.81
CA THR A 269 1.83 9.59 23.77
C THR A 269 2.90 10.53 23.25
N ARG A 270 4.08 9.99 22.94
CA ARG A 270 5.22 10.81 22.57
C ARG A 270 5.17 11.17 21.10
N LEU A 271 5.81 12.27 20.77
CA LEU A 271 5.87 12.80 19.41
C LEU A 271 7.30 13.14 19.03
N HIS A 272 7.70 12.70 17.84
CA HIS A 272 8.86 13.22 17.12
C HIS A 272 8.32 13.81 15.83
N VAL A 273 8.59 15.08 15.56
CA VAL A 273 8.08 15.70 14.34
C VAL A 273 9.23 16.41 13.62
N THR A 274 9.30 16.22 12.31
CA THR A 274 10.44 16.73 11.54
C THR A 274 9.98 17.09 10.15
N TYR A 275 10.62 18.12 9.58
CA TYR A 275 10.33 18.46 8.20
C TYR A 275 11.31 17.84 7.21
N GLU A 276 12.29 17.07 7.69
CA GLU A 276 13.17 16.33 6.82
C GLU A 276 12.87 14.83 6.92
N GLY A 277 13.15 14.12 5.85
CA GLY A 277 13.04 12.67 5.85
C GLY A 277 11.71 12.19 5.28
N THR A 278 11.63 10.87 5.17
CA THR A 278 10.47 10.17 4.62
C THR A 278 10.08 9.01 5.52
N ILE A 279 8.80 8.65 5.44
CA ILE A 279 8.30 7.46 6.15
C ILE A 279 9.14 6.23 5.82
N GLU A 280 9.44 6.02 4.54
CA GLU A 280 10.02 4.73 4.15
C GLU A 280 11.50 4.65 4.47
N GLU A 281 12.20 5.77 4.51
CA GLU A 281 13.62 5.72 4.82
C GLU A 281 13.90 5.97 6.29
N ASN A 282 13.27 6.98 6.86
CA ASN A 282 13.51 7.33 8.25
C ASN A 282 12.55 6.68 9.24
N GLY A 283 11.49 6.02 8.78
CA GLY A 283 10.67 5.22 9.67
C GLY A 283 10.89 3.73 9.60
N GLN A 284 12.14 3.29 9.38
CA GLN A 284 12.43 1.86 9.33
C GLN A 284 12.05 1.20 10.64
N GLY A 285 11.38 0.05 10.53
CA GLY A 285 10.95 -0.73 11.67
C GLY A 285 9.74 -0.16 12.38
N MET A 286 9.19 0.91 11.87
CA MET A 286 8.02 1.53 12.46
C MET A 286 6.80 1.16 11.64
N LEU A 287 5.62 1.37 12.23
CA LEU A 287 4.38 1.18 11.48
C LEU A 287 4.28 2.30 10.46
N GLN A 288 4.43 1.98 9.19
CA GLN A 288 4.51 3.00 8.15
C GLN A 288 3.15 3.22 7.50
N VAL A 289 2.67 4.45 7.50
CA VAL A 289 1.36 4.74 6.92
C VAL A 289 1.46 4.92 5.42
N ASP A 290 0.57 4.22 4.71
CA ASP A 290 0.24 4.49 3.31
C ASP A 290 -1.00 5.36 3.30
N PHE A 291 -0.87 6.58 2.74
CA PHE A 291 -1.98 7.52 2.56
C PHE A 291 -2.85 6.98 1.42
N ALA A 292 -3.70 6.02 1.76
CA ALA A 292 -4.28 5.11 0.81
C ALA A 292 -5.55 5.64 0.16
N ASN A 293 -5.86 5.06 -0.99
N ASN A 293 -5.86 5.09 -1.02
CA ASN A 293 -7.18 5.15 -1.57
CA ASN A 293 -7.22 5.13 -1.55
C ASN A 293 -8.01 3.94 -1.11
C ASN A 293 -8.01 3.96 -0.99
N ARG A 294 -9.34 4.13 -0.98
CA ARG A 294 -10.16 3.04 -0.47
C ARG A 294 -10.03 1.79 -1.35
N PHE A 295 -9.78 2.00 -2.64
CA PHE A 295 -9.26 0.95 -3.53
C PHE A 295 -7.74 0.96 -3.36
N VAL A 296 -7.23 0.00 -2.61
CA VAL A 296 -5.84 0.08 -2.16
C VAL A 296 -4.92 0.17 -3.37
N GLY A 297 -3.89 1.01 -3.22
CA GLY A 297 -2.93 1.31 -4.25
C GLY A 297 -3.33 2.43 -5.19
N GLY A 298 -4.58 2.87 -5.15
CA GLY A 298 -4.97 4.05 -5.89
C GLY A 298 -4.77 3.87 -7.37
N GLY A 299 -4.11 4.85 -8.00
CA GLY A 299 -3.86 4.80 -9.43
C GLY A 299 -2.50 4.22 -9.78
N VAL A 300 -2.03 3.26 -9.00
CA VAL A 300 -0.67 2.81 -9.27
C VAL A 300 -0.58 2.18 -10.65
N THR A 301 -1.59 1.39 -11.05
CA THR A 301 -1.62 0.73 -12.34
C THR A 301 -2.15 1.65 -13.45
N SER A 302 -2.39 2.92 -13.15
CA SER A 302 -2.90 3.87 -14.14
C SER A 302 -2.11 5.17 -14.05
N ALA A 303 -2.76 6.29 -13.72
CA ALA A 303 -2.07 7.58 -13.79
C ALA A 303 -1.50 8.11 -12.46
N GLY A 304 -1.94 7.63 -11.31
CA GLY A 304 -1.57 8.28 -10.04
C GLY A 304 -0.10 8.09 -9.69
N LEU A 305 0.47 9.09 -9.03
CA LEU A 305 1.91 9.06 -8.67
C LEU A 305 1.99 10.12 -7.57
N VAL A 306 1.42 9.83 -6.40
CA VAL A 306 1.70 10.56 -5.13
C VAL A 306 2.14 9.53 -4.06
N GLN A 307 1.92 9.72 -2.76
CA GLN A 307 2.56 8.90 -1.72
C GLN A 307 2.23 7.42 -1.86
N GLU A 308 0.96 7.07 -2.05
CA GLU A 308 0.59 5.66 -2.09
C GLU A 308 1.18 4.99 -3.33
N GLU A 309 0.97 5.59 -4.48
CA GLU A 309 1.43 4.97 -5.71
C GLU A 309 2.94 4.82 -5.71
N ILE A 310 3.67 5.84 -5.26
CA ILE A 310 5.12 5.73 -5.22
C ILE A 310 5.55 4.56 -4.35
N ARG A 311 4.92 4.40 -3.19
CA ARG A 311 5.31 3.29 -2.31
C ARG A 311 5.01 1.94 -2.96
N PHE A 312 3.87 1.86 -3.66
CA PHE A 312 3.53 0.63 -4.38
C PHE A 312 4.47 0.37 -5.54
N LEU A 313 5.14 1.40 -6.08
CA LEU A 313 6.09 1.20 -7.17
C LEU A 313 7.46 0.79 -6.66
N ILE A 314 7.92 1.37 -5.54
CA ILE A 314 9.26 1.05 -5.09
C ILE A 314 9.24 -0.24 -4.27
N ASN A 315 8.06 -0.63 -3.75
CA ASN A 315 7.84 -1.93 -3.08
C ASN A 315 6.71 -2.66 -3.84
N PRO A 316 6.98 -3.17 -5.05
CA PRO A 316 5.87 -3.68 -5.88
C PRO A 316 5.11 -4.86 -5.34
N GLU A 317 5.62 -5.57 -4.35
CA GLU A 317 4.82 -6.66 -3.79
C GLU A 317 3.53 -6.11 -3.18
N LEU A 318 3.51 -4.82 -2.82
CA LEU A 318 2.28 -4.21 -2.37
C LEU A 318 1.18 -4.28 -3.42
N ILE A 319 1.55 -4.15 -4.72
CA ILE A 319 0.58 -4.08 -5.80
C ILE A 319 -0.33 -5.30 -5.80
N ILE A 320 0.17 -6.44 -5.35
CA ILE A 320 -0.65 -7.65 -5.46
C ILE A 320 -1.80 -7.62 -4.47
N SER A 321 -1.78 -6.73 -3.45
CA SER A 321 -2.95 -6.57 -2.61
C SER A 321 -4.19 -6.26 -3.45
N ARG A 322 -4.01 -5.64 -4.61
CA ARG A 322 -5.12 -5.30 -5.47
C ARG A 322 -5.77 -6.53 -6.09
N LEU A 323 -5.06 -7.64 -6.18
CA LEU A 323 -5.63 -8.86 -6.72
C LEU A 323 -6.78 -9.35 -5.84
N PHE A 324 -6.66 -9.18 -4.54
CA PHE A 324 -7.56 -9.86 -3.61
C PHE A 324 -8.15 -8.97 -2.51
N THR A 325 -7.94 -7.65 -2.52
CA THR A 325 -8.43 -6.79 -1.44
C THR A 325 -9.62 -5.97 -1.90
N GLU A 326 -10.78 -6.24 -1.31
CA GLU A 326 -11.98 -5.49 -1.62
C GLU A 326 -11.82 -4.07 -1.09
N VAL A 327 -12.47 -3.12 -1.76
CA VAL A 327 -12.48 -1.72 -1.34
C VAL A 327 -12.73 -1.64 0.16
N LEU A 328 -12.01 -0.76 0.84
CA LEU A 328 -12.07 -0.68 2.29
C LEU A 328 -13.31 0.08 2.73
N ASP A 329 -14.01 -0.47 3.70
CA ASP A 329 -15.11 0.23 4.36
C ASP A 329 -14.54 1.12 5.46
N HIS A 330 -15.41 1.95 6.05
CA HIS A 330 -14.90 2.97 6.97
C HIS A 330 -14.19 2.40 8.18
N ASN A 331 -14.52 1.18 8.59
CA ASN A 331 -13.95 0.60 9.79
C ASN A 331 -12.81 -0.37 9.49
N GLU A 332 -12.21 -0.29 8.31
CA GLU A 332 -11.25 -1.32 7.88
C GLU A 332 -9.90 -0.74 7.47
N CYS A 333 -8.89 -1.59 7.53
CA CYS A 333 -7.60 -1.26 6.96
C CYS A 333 -6.98 -2.52 6.36
N LEU A 334 -5.88 -2.33 5.65
CA LEU A 334 -5.05 -3.44 5.20
C LEU A 334 -3.64 -3.27 5.75
N ILE A 335 -3.09 -4.33 6.34
CA ILE A 335 -1.76 -4.34 6.97
C ILE A 335 -0.87 -5.29 6.20
N ILE A 336 0.25 -4.78 5.68
CA ILE A 336 1.13 -5.59 4.84
C ILE A 336 2.50 -5.63 5.48
N THR A 337 2.97 -6.83 5.82
CA THR A 337 4.25 -7.04 6.50
C THR A 337 5.18 -7.85 5.61
N GLY A 338 6.34 -7.28 5.30
CA GLY A 338 7.39 -8.01 4.60
C GLY A 338 7.71 -7.55 3.21
N THR A 339 7.06 -6.51 2.68
CA THR A 339 7.41 -6.10 1.34
C THR A 339 8.81 -5.51 1.33
N GLU A 340 9.48 -5.76 0.20
CA GLU A 340 10.86 -5.36 -0.02
C GLU A 340 10.96 -4.13 -0.92
N GLN A 341 11.92 -3.24 -0.63
CA GLN A 341 12.15 -2.09 -1.47
C GLN A 341 13.16 -2.47 -2.56
N TYR A 342 12.77 -2.26 -3.82
CA TYR A 342 13.61 -2.59 -4.96
C TYR A 342 14.15 -1.37 -5.69
N SER A 343 13.59 -0.18 -5.45
CA SER A 343 13.99 1.02 -6.17
C SER A 343 14.15 2.18 -5.22
N GLU A 344 14.97 3.15 -5.65
CA GLU A 344 15.03 4.49 -5.09
C GLU A 344 14.50 5.47 -6.13
N TYR A 345 14.00 6.58 -5.66
CA TYR A 345 13.33 7.56 -6.48
C TYR A 345 13.64 8.94 -5.94
N THR A 346 13.33 9.94 -6.76
CA THR A 346 13.23 11.32 -6.33
C THR A 346 11.92 11.91 -6.83
N GLY A 347 11.45 12.94 -6.15
CA GLY A 347 10.26 13.67 -6.61
C GLY A 347 8.92 12.95 -6.44
N TYR A 348 7.89 13.52 -7.06
CA TYR A 348 6.55 12.94 -7.07
C TYR A 348 5.73 13.59 -8.16
N ALA A 349 4.64 12.92 -8.53
CA ALA A 349 3.79 13.39 -9.62
C ALA A 349 4.66 13.77 -10.82
N GLU A 350 4.56 15.02 -11.28
CA GLU A 350 5.28 15.38 -12.50
C GLU A 350 6.79 15.32 -12.33
N THR A 351 7.34 15.37 -11.11
CA THR A 351 8.79 15.32 -10.93
C THR A 351 9.29 13.94 -10.53
N TYR A 352 8.40 12.96 -10.42
CA TYR A 352 8.86 11.64 -10.01
C TYR A 352 9.88 11.09 -11.01
N ARG A 353 11.01 10.62 -10.50
CA ARG A 353 11.97 9.93 -11.34
C ARG A 353 12.46 8.68 -10.65
N TRP A 354 12.53 7.58 -11.40
CA TRP A 354 13.26 6.40 -10.94
C TRP A 354 14.75 6.74 -10.85
N SER A 355 15.36 6.46 -9.69
CA SER A 355 16.78 6.81 -9.48
C SER A 355 17.72 5.64 -9.77
N ARG A 356 17.49 4.50 -9.13
CA ARG A 356 18.41 3.37 -9.19
C ARG A 356 17.78 2.18 -8.48
N SER A 357 18.40 1.03 -8.68
CA SER A 357 18.03 -0.18 -7.94
C SER A 357 18.44 -0.02 -6.49
N HIS A 358 17.62 -0.56 -5.60
CA HIS A 358 17.84 -0.51 -4.16
C HIS A 358 18.03 -1.92 -3.60
N GLU A 359 19.10 -2.11 -2.83
CA GLU A 359 19.34 -3.35 -2.13
C GLU A 359 18.79 -3.22 -0.72
N ASP A 360 17.68 -3.90 -0.45
CA ASP A 360 17.00 -3.78 0.83
C ASP A 360 17.86 -4.43 1.90
N GLY A 361 18.21 -3.68 2.94
CA GLY A 361 19.00 -4.18 4.04
C GLY A 361 18.21 -4.51 5.29
N SER A 362 16.88 -4.52 5.21
CA SER A 362 16.06 -4.84 6.36
C SER A 362 16.33 -6.27 6.84
N GLU A 363 16.35 -6.44 8.16
CA GLU A 363 16.32 -7.78 8.73
C GLU A 363 15.01 -8.45 8.39
N ARG A 364 15.02 -9.79 8.46
CA ARG A 364 13.81 -10.58 8.36
C ARG A 364 13.44 -11.14 9.73
N ASP A 365 12.13 -11.27 9.96
CA ASP A 365 11.64 -11.88 11.19
C ASP A 365 11.63 -13.42 11.07
N ASP A 366 11.05 -14.09 12.09
CA ASP A 366 11.07 -15.55 12.16
C ASP A 366 10.15 -16.21 11.15
N TRP A 367 9.35 -15.43 10.42
CA TRP A 367 8.61 -15.93 9.28
C TRP A 367 9.26 -15.53 7.95
N GLN A 368 10.52 -15.12 7.98
CA GLN A 368 11.28 -14.68 6.82
C GLN A 368 10.58 -13.53 6.09
N ARG A 369 9.94 -12.65 6.86
CA ARG A 369 9.36 -11.42 6.33
C ARG A 369 10.29 -10.27 6.63
N ARG A 370 10.62 -9.46 5.61
CA ARG A 370 11.29 -8.19 5.89
C ARG A 370 10.58 -7.47 7.01
N CYS A 371 11.37 -6.82 7.88
CA CYS A 371 10.83 -6.13 9.06
C CYS A 371 10.34 -4.74 8.67
N THR A 372 9.33 -4.75 7.81
CA THR A 372 8.73 -3.55 7.22
C THR A 372 7.25 -3.78 7.26
N GLU A 373 6.54 -2.94 8.02
CA GLU A 373 5.10 -3.07 8.22
C GLU A 373 4.43 -1.81 7.72
N ILE A 374 3.52 -1.96 6.75
CA ILE A 374 2.84 -0.84 6.12
C ILE A 374 1.35 -1.00 6.37
N VAL A 375 0.65 0.08 6.74
CA VAL A 375 -0.81 0.03 6.84
C VAL A 375 -1.44 1.02 5.87
N ALA A 376 -2.33 0.50 5.05
CA ALA A 376 -3.15 1.31 4.15
C ALA A 376 -4.39 1.77 4.92
N ILE A 377 -4.46 3.08 5.16
CA ILE A 377 -5.66 3.72 5.70
C ILE A 377 -6.04 4.86 4.76
N ASP A 378 -7.30 4.86 4.31
CA ASP A 378 -7.79 5.82 3.34
C ASP A 378 -8.48 6.96 4.08
N ALA A 379 -8.00 8.17 3.88
CA ALA A 379 -8.72 9.34 4.40
C ALA A 379 -9.92 9.66 3.53
N LEU A 380 -10.85 10.45 4.08
CA LEU A 380 -11.93 11.00 3.26
C LEU A 380 -11.45 12.10 2.32
N HIS A 381 -12.21 12.24 1.23
CA HIS A 381 -12.04 13.26 0.22
C HIS A 381 -13.09 14.34 0.49
N PHE A 382 -12.64 15.57 0.75
CA PHE A 382 -13.55 16.63 1.14
C PHE A 382 -13.76 17.60 -0.01
N ARG A 383 -14.98 17.62 -0.53
CA ARG A 383 -15.38 18.61 -1.52
C ARG A 383 -15.22 20.02 -0.97
N ARG A 384 -15.69 20.25 0.25
CA ARG A 384 -15.62 21.55 0.88
C ARG A 384 -14.74 21.47 2.12
N TYR A 385 -13.87 22.47 2.28
CA TYR A 385 -12.87 22.43 3.35
C TYR A 385 -13.53 22.29 4.73
N LEU A 386 -14.62 23.02 4.99
CA LEU A 386 -15.21 22.94 6.32
C LEU A 386 -15.93 21.63 6.58
N ASP A 387 -16.20 20.84 5.54
CA ASP A 387 -16.86 19.55 5.75
C ASP A 387 -16.09 18.65 6.72
N GLN A 388 -14.77 18.79 6.77
CA GLN A 388 -13.99 17.84 7.56
C GLN A 388 -14.09 18.08 9.06
N PHE A 389 -14.60 19.23 9.48
CA PHE A 389 -14.78 19.50 10.91
C PHE A 389 -16.13 19.03 11.43
N VAL A 390 -17.02 18.55 10.57
CA VAL A 390 -18.25 17.92 11.05
C VAL A 390 -17.90 16.77 11.99
N PRO A 391 -18.51 16.68 13.18
CA PRO A 391 -18.12 15.63 14.13
C PRO A 391 -18.16 14.22 13.57
N GLU A 392 -19.15 13.89 12.74
CA GLU A 392 -19.23 12.54 12.18
C GLU A 392 -18.03 12.26 11.29
N LYS A 393 -17.51 13.29 10.62
CA LYS A 393 -16.35 13.10 9.75
C LYS A 393 -15.05 13.05 10.54
N MET A 394 -14.95 13.85 11.61
CA MET A 394 -13.79 13.74 12.50
C MET A 394 -13.75 12.38 13.17
N ARG A 395 -14.91 11.89 13.63
CA ARG A 395 -14.96 10.58 14.28
C ARG A 395 -14.59 9.48 13.29
N ARG A 396 -15.03 9.61 12.05
CA ARG A 396 -14.71 8.63 11.03
C ARG A 396 -13.19 8.54 10.85
N GLU A 397 -12.51 9.68 10.74
CA GLU A 397 -11.06 9.66 10.52
C GLU A 397 -10.32 9.14 11.74
N LEU A 398 -10.77 9.52 12.96
CA LEU A 398 -10.22 8.95 14.18
C LEU A 398 -10.33 7.43 14.19
N ASN A 399 -11.51 6.91 13.83
CA ASN A 399 -11.76 5.48 13.86
C ASN A 399 -10.97 4.76 12.79
N LYS A 400 -10.84 5.37 11.62
CA LYS A 400 -10.02 4.77 10.56
C LYS A 400 -8.57 4.66 11.01
N ALA A 401 -8.01 5.76 11.53
CA ALA A 401 -6.63 5.73 11.97
C ALA A 401 -6.46 4.76 13.14
N TYR A 402 -7.41 4.74 14.06
CA TYR A 402 -7.36 3.81 15.19
C TYR A 402 -7.33 2.36 14.69
N CYS A 403 -8.19 2.04 13.72
CA CYS A 403 -8.16 0.70 13.17
C CYS A 403 -6.80 0.39 12.55
N GLY A 404 -6.22 1.36 11.86
CA GLY A 404 -4.90 1.16 11.27
C GLY A 404 -3.79 0.95 12.27
N PHE A 405 -3.90 1.57 13.45
CA PHE A 405 -2.87 1.54 14.48
C PHE A 405 -3.07 0.42 15.51
N LEU A 406 -4.30 -0.02 15.74
CA LEU A 406 -4.55 -0.97 16.83
C LEU A 406 -4.08 -2.37 16.46
N ARG A 407 -3.38 -3.03 17.39
CA ARG A 407 -2.99 -4.43 17.24
C ARG A 407 -3.60 -5.22 18.40
N PRO A 408 -4.82 -5.74 18.23
CA PRO A 408 -5.40 -6.57 19.30
C PRO A 408 -4.48 -7.73 19.63
N GLY A 409 -4.28 -7.94 20.93
CA GLY A 409 -3.47 -9.06 21.39
C GLY A 409 -2.00 -8.75 21.56
N VAL A 410 -1.61 -7.48 21.53
CA VAL A 410 -0.21 -7.08 21.60
C VAL A 410 -0.08 -6.01 22.66
N SER A 411 0.91 -6.15 23.54
CA SER A 411 1.15 -5.16 24.58
C SER A 411 1.77 -3.91 23.98
N SER A 412 1.43 -2.77 24.58
CA SER A 412 1.91 -1.49 24.07
C SER A 412 3.43 -1.44 24.02
N GLU A 413 4.11 -2.12 24.97
CA GLU A 413 5.56 -2.12 24.96
C GLU A 413 6.12 -2.82 23.74
N ASN A 414 5.33 -3.67 23.08
CA ASN A 414 5.78 -4.38 21.91
C ASN A 414 5.32 -3.73 20.61
N LEU A 415 4.84 -2.49 20.68
CA LEU A 415 4.32 -1.78 19.51
C LEU A 415 5.32 -0.69 19.07
N SER A 416 5.71 -0.75 17.80
CA SER A 416 6.54 0.29 17.21
C SER A 416 5.78 1.62 17.16
N ALA A 417 6.53 2.71 17.07
CA ALA A 417 5.92 4.01 16.80
C ALA A 417 5.24 3.97 15.45
N VAL A 418 4.28 4.88 15.25
CA VAL A 418 3.66 5.13 13.95
C VAL A 418 4.47 6.16 13.19
N ALA A 419 4.85 5.83 11.97
CA ALA A 419 5.56 6.76 11.10
C ALA A 419 4.58 7.26 10.03
N THR A 420 4.26 8.56 10.10
CA THR A 420 3.19 9.09 9.25
C THR A 420 3.50 10.53 8.87
N GLY A 421 2.51 11.23 8.32
CA GLY A 421 2.60 12.61 7.91
C GLY A 421 1.24 13.15 7.55
N ASN A 422 1.19 14.04 6.56
CA ASN A 422 0.00 14.79 6.17
C ASN A 422 -1.03 13.93 5.42
N TRP A 423 -1.54 12.94 6.12
CA TRP A 423 -2.50 11.98 5.61
C TRP A 423 -3.78 12.67 5.10
N GLY A 424 -4.14 12.37 3.85
CA GLY A 424 -5.36 12.91 3.28
C GLY A 424 -5.31 14.38 2.90
N CYS A 425 -4.12 14.97 2.87
CA CYS A 425 -3.99 16.35 2.47
C CYS A 425 -3.68 16.36 0.97
N GLY A 426 -3.29 17.49 0.43
CA GLY A 426 -3.20 17.59 -1.02
C GLY A 426 -4.51 17.26 -1.72
N ALA A 427 -4.54 16.17 -2.48
CA ALA A 427 -5.67 15.91 -3.37
C ALA A 427 -7.00 15.81 -2.61
N PHE A 428 -6.99 15.15 -1.45
CA PHE A 428 -8.22 14.92 -0.68
C PHE A 428 -8.68 16.13 0.14
N GLY A 429 -7.93 17.23 0.15
CA GLY A 429 -8.41 18.45 0.76
C GLY A 429 -8.37 18.49 2.27
N GLY A 430 -7.67 17.57 2.90
CA GLY A 430 -7.59 17.58 4.35
C GLY A 430 -6.78 18.75 4.87
N ASP A 431 -7.12 19.18 6.08
CA ASP A 431 -6.35 20.18 6.81
C ASP A 431 -5.27 19.47 7.60
N ALA A 432 -4.00 19.83 7.34
CA ALA A 432 -2.88 19.11 7.93
C ALA A 432 -2.88 19.21 9.44
N ARG A 433 -3.24 20.36 9.99
CA ARG A 433 -3.19 20.51 11.44
C ARG A 433 -4.26 19.70 12.15
N LEU A 434 -5.46 19.65 11.58
CA LEU A 434 -6.50 18.75 12.09
C LEU A 434 -6.09 17.30 11.93
N LYS A 435 -5.64 16.91 10.74
CA LYS A 435 -5.28 15.51 10.55
C LYS A 435 -4.11 15.10 11.45
N ALA A 436 -3.16 16.00 11.71
CA ALA A 436 -2.09 15.66 12.64
C ALA A 436 -2.65 15.38 14.03
N LEU A 437 -3.56 16.24 14.51
CA LEU A 437 -4.15 16.00 15.83
C LEU A 437 -4.99 14.73 15.87
N ILE A 438 -5.76 14.46 14.80
CA ILE A 438 -6.54 13.23 14.71
C ILE A 438 -5.63 12.02 14.83
N GLN A 439 -4.50 12.03 14.10
CA GLN A 439 -3.60 10.88 14.17
C GLN A 439 -2.96 10.77 15.55
N ILE A 440 -2.67 11.90 16.18
CA ILE A 440 -2.09 11.88 17.51
C ILE A 440 -3.07 11.29 18.52
N LEU A 441 -4.35 11.64 18.41
CA LEU A 441 -5.38 11.07 19.30
C LEU A 441 -5.57 9.58 19.06
N ALA A 442 -5.65 9.18 17.79
CA ALA A 442 -5.83 7.76 17.48
C ALA A 442 -4.64 6.94 17.94
N ALA A 443 -3.43 7.45 17.72
CA ALA A 443 -2.25 6.77 18.21
C ALA A 443 -2.28 6.66 19.73
N ALA A 444 -2.69 7.74 20.43
CA ALA A 444 -2.76 7.66 21.88
C ALA A 444 -3.73 6.59 22.34
N ALA A 445 -4.88 6.50 21.69
CA ALA A 445 -5.88 5.50 22.05
C ALA A 445 -5.37 4.09 21.78
N ALA A 446 -4.56 3.93 20.74
CA ALA A 446 -3.92 2.66 20.44
C ALA A 446 -2.64 2.45 21.22
N GLU A 447 -2.22 3.42 22.02
CA GLU A 447 -1.05 3.35 22.90
C GLU A 447 0.24 3.21 22.10
N ARG A 448 0.35 4.01 21.04
CA ARG A 448 1.55 4.02 20.16
C ARG A 448 2.05 5.45 19.96
N ASP A 449 3.36 5.65 20.08
CA ASP A 449 4.01 6.92 19.85
C ASP A 449 3.91 7.29 18.37
N VAL A 450 4.22 8.55 18.07
CA VAL A 450 4.04 9.09 16.73
C VAL A 450 5.33 9.76 16.24
N VAL A 451 5.75 9.36 15.04
CA VAL A 451 6.82 9.98 14.30
C VAL A 451 6.20 10.62 13.07
N TYR A 452 6.27 11.95 12.98
CA TYR A 452 5.51 12.72 12.00
C TYR A 452 6.45 13.46 11.06
N PHE A 453 6.35 13.16 9.77
CA PHE A 453 7.17 13.78 8.74
C PHE A 453 6.32 14.83 8.02
N THR A 454 6.70 16.11 8.11
CA THR A 454 5.93 17.17 7.47
C THR A 454 6.39 17.49 6.06
N PHE A 455 7.37 16.76 5.53
CA PHE A 455 7.65 16.74 4.09
C PHE A 455 8.01 18.15 3.60
N GLY A 456 8.94 18.78 4.32
CA GLY A 456 9.52 20.04 3.93
C GLY A 456 8.90 21.27 4.57
N ASP A 457 7.80 21.11 5.28
CA ASP A 457 7.05 22.24 5.84
C ASP A 457 7.51 22.45 7.28
N SER A 458 8.41 23.42 7.49
CA SER A 458 9.01 23.58 8.81
C SER A 458 8.07 24.28 9.77
N GLU A 459 7.22 25.16 9.24
CA GLU A 459 6.23 25.83 10.07
C GLU A 459 5.23 24.83 10.62
N LEU A 460 4.80 23.89 9.79
CA LEU A 460 3.88 22.87 10.28
C LEU A 460 4.52 22.03 11.37
N MET A 461 5.81 21.68 11.21
CA MET A 461 6.54 20.97 12.25
C MET A 461 6.45 21.72 13.57
N ARG A 462 6.78 23.01 13.54
N ARG A 462 6.79 23.02 13.53
CA ARG A 462 6.77 23.81 14.76
CA ARG A 462 6.77 23.80 14.77
C ARG A 462 5.36 23.86 15.36
C ARG A 462 5.36 23.86 15.36
N ASP A 463 4.35 24.01 14.50
CA ASP A 463 2.99 24.12 14.98
C ASP A 463 2.52 22.83 15.63
N ILE A 464 2.77 21.67 15.01
CA ILE A 464 2.35 20.41 15.61
C ILE A 464 3.10 20.18 16.92
N TYR A 465 4.40 20.45 16.93
CA TYR A 465 5.18 20.29 18.16
C TYR A 465 4.60 21.16 19.28
N SER A 466 4.37 22.43 18.99
CA SER A 466 3.90 23.35 20.02
C SER A 466 2.54 22.93 20.57
N MET A 467 1.63 22.50 19.70
CA MET A 467 0.34 22.02 20.16
C MET A 467 0.51 20.78 21.02
N HIS A 468 1.33 19.84 20.57
CA HIS A 468 1.50 18.60 21.32
C HIS A 468 2.08 18.87 22.71
N ILE A 469 3.11 19.72 22.79
CA ILE A 469 3.72 20.02 24.09
C ILE A 469 2.73 20.78 24.98
N PHE A 470 2.00 21.74 24.39
CA PHE A 470 0.94 22.44 25.12
C PHE A 470 -0.03 21.48 25.77
N LEU A 471 -0.55 20.52 24.98
CA LEU A 471 -1.58 19.63 25.50
C LEU A 471 -1.02 18.65 26.50
N THR A 472 0.18 18.14 26.26
CA THR A 472 0.74 17.16 27.18
C THR A 472 1.07 17.81 28.51
N GLU A 473 1.61 19.03 28.49
CA GLU A 473 2.02 19.69 29.73
C GLU A 473 0.81 19.99 30.61
N ARG A 474 -0.34 20.25 30.01
CA ARG A 474 -1.59 20.43 30.76
C ARG A 474 -2.32 19.11 31.02
N LYS A 475 -1.75 17.98 30.63
CA LYS A 475 -2.31 16.67 30.96
C LYS A 475 -3.71 16.48 30.40
N LEU A 476 -4.00 17.08 29.25
CA LEU A 476 -5.27 16.81 28.59
C LEU A 476 -5.30 15.38 28.07
N THR A 477 -6.45 14.72 28.26
CA THR A 477 -6.66 13.37 27.76
C THR A 477 -7.12 13.41 26.31
N VAL A 478 -7.18 12.23 25.68
CA VAL A 478 -7.80 12.11 24.36
C VAL A 478 -9.18 12.77 24.36
N GLY A 479 -10.01 12.45 25.36
CA GLY A 479 -11.36 12.98 25.39
C GLY A 479 -11.40 14.48 25.59
N ASP A 480 -10.50 15.01 26.42
CA ASP A 480 -10.42 16.47 26.58
C ASP A 480 -10.19 17.15 25.23
N VAL A 481 -9.26 16.60 24.45
CA VAL A 481 -8.94 17.18 23.15
C VAL A 481 -10.08 17.01 22.17
N TYR A 482 -10.71 15.82 22.15
CA TYR A 482 -11.79 15.60 21.20
C TYR A 482 -12.95 16.58 21.48
N LYS A 483 -13.23 16.82 22.76
CA LYS A 483 -14.30 17.78 23.08
C LYS A 483 -13.96 19.18 22.57
N LEU A 484 -12.67 19.54 22.55
CA LEU A 484 -12.26 20.83 21.99
C LEU A 484 -12.45 20.87 20.48
N LEU A 485 -12.21 19.75 19.80
CA LEU A 485 -12.53 19.69 18.38
C LEU A 485 -14.02 19.89 18.16
N LEU A 486 -14.86 19.28 19.01
CA LEU A 486 -16.30 19.45 18.86
C LEU A 486 -16.71 20.90 19.10
N ARG A 487 -16.06 21.56 20.05
CA ARG A 487 -16.36 22.97 20.30
C ARG A 487 -15.96 23.82 19.12
N TYR A 488 -14.80 23.52 18.51
CA TYR A 488 -14.39 24.28 17.33
C TYR A 488 -15.43 24.19 16.25
N TYR A 489 -15.94 22.98 15.98
CA TYR A 489 -16.93 22.82 14.94
C TYR A 489 -18.13 23.72 15.24
N ASN A 490 -18.62 23.65 16.46
CA ASN A 490 -19.85 24.38 16.77
C ASN A 490 -19.62 25.88 16.75
N GLU A 491 -18.48 26.33 17.27
CA GLU A 491 -18.26 27.76 17.42
C GLU A 491 -17.80 28.43 16.13
N GLU A 492 -17.06 27.71 15.28
CA GLU A 492 -16.40 28.35 14.14
C GLU A 492 -16.76 27.74 12.79
N CYS A 493 -17.43 26.58 12.74
CA CYS A 493 -17.69 25.90 11.48
C CYS A 493 -19.17 25.72 11.18
N ARG A 494 -19.97 25.26 12.14
CA ARG A 494 -21.33 24.83 11.82
C ARG A 494 -22.14 25.97 11.20
N ASN A 495 -22.05 27.17 11.78
CA ASN A 495 -22.83 28.31 11.31
C ASN A 495 -21.99 29.25 10.45
N CYS A 496 -20.87 28.77 9.93
CA CYS A 496 -20.02 29.58 9.08
C CYS A 496 -20.57 29.62 7.66
N GLY A 500 -14.15 29.30 4.60
CA GLY A 500 -13.16 29.23 5.66
C GLY A 500 -13.65 29.83 6.98
N PRO A 501 -13.17 29.29 8.11
CA PRO A 501 -13.60 29.80 9.41
C PRO A 501 -12.88 31.08 9.80
N ASP A 502 -13.48 31.80 10.75
CA ASP A 502 -12.91 33.06 11.23
C ASP A 502 -11.58 32.84 11.95
N ILE A 503 -11.54 31.81 12.80
CA ILE A 503 -10.38 31.48 13.63
C ILE A 503 -9.92 30.09 13.24
N LYS A 504 -8.60 29.87 13.24
CA LYS A 504 -8.04 28.57 12.89
C LYS A 504 -8.07 27.64 14.10
N LEU A 505 -7.95 26.33 13.83
CA LEU A 505 -8.12 25.34 14.87
C LEU A 505 -7.13 25.51 16.02
N TYR A 506 -5.82 25.60 15.72
CA TYR A 506 -4.89 25.56 16.83
C TYR A 506 -5.03 26.83 17.65
N PRO A 507 -5.18 27.99 17.02
CA PRO A 507 -5.44 29.21 17.83
C PRO A 507 -6.66 29.07 18.69
N PHE A 508 -7.73 28.47 18.17
CA PHE A 508 -8.94 28.27 18.94
C PHE A 508 -8.66 27.41 20.17
N ILE A 509 -7.90 26.32 20.00
CA ILE A 509 -7.62 25.42 21.10
C ILE A 509 -6.83 26.11 22.20
N TYR A 510 -5.77 26.83 21.82
CA TYR A 510 -4.96 27.52 22.81
C TYR A 510 -5.82 28.45 23.62
N HIS A 511 -6.66 29.23 22.93
CA HIS A 511 -7.51 30.20 23.61
C HIS A 511 -8.50 29.51 24.51
N ALA A 512 -9.12 28.42 24.04
CA ALA A 512 -10.09 27.71 24.85
C ALA A 512 -9.47 27.20 26.13
N VAL A 513 -8.29 26.59 26.04
CA VAL A 513 -7.68 25.99 27.22
C VAL A 513 -7.18 27.06 28.17
N GLU A 514 -6.49 28.06 27.63
CA GLU A 514 -5.98 29.16 28.44
C GLU A 514 -7.15 30.01 28.94
C11 M0P B . 2.87 16.27 0.11
C12 M0P B . 2.74 16.35 1.67
C14 M0P B . 0.95 14.86 1.71
C02 M0P B . 4.64 12.63 2.67
C03 M0P B . 4.76 12.37 1.22
C04 M0P B . 5.68 11.43 0.69
C06 M0P B . 4.60 12.29 -0.96
C08 M0P B . 2.40 13.53 -2.43
C09 M0P B . 2.48 14.96 -1.83
C15 M0P B . 1.00 14.64 0.15
C18 M0P B . 7.49 9.74 0.95
C19 M0P B . 6.52 10.91 2.93
C21 M0P B . 5.57 12.03 4.96
N05 M0P B . 5.55 11.40 -0.67
N10 M0P B . 2.36 14.96 -0.33
N16 M0P B . 4.08 12.89 0.18
N17 M0P B . 6.50 10.73 1.53
N20 M0P B . 5.57 11.86 3.48
O01 M0P B . 3.88 13.44 3.13
O13 M0P B . 1.45 16.14 2.10
O22 M0P B . 7.28 10.29 3.65
S07 M0P B . 4.05 12.64 -2.55
H111 M0P B . 2.32 16.98 -0.27
H112 M0P B . 3.80 16.43 -0.13
H121 M0P B . 3.30 15.66 2.05
H122 M0P B . 3.09 17.20 1.97
H141 M0P B . 1.51 14.18 2.12
H142 M0P B . 0.05 14.71 2.03
H082 M0P B . 2.00 13.57 -3.32
H081 M0P B . 1.81 13.02 -1.87
H091 M0P B . 1.80 15.55 -2.19
H092 M0P B . 3.32 15.40 -2.06
H151 M0P B . 0.36 15.26 -0.24
H152 M0P B . 0.71 13.73 -0.04
H183 M0P B . 7.56 9.80 -0.02
H182 M0P B . 7.29 8.81 1.12
H181 M0P B . 8.40 9.84 1.27
H212 M0P B . 4.74 12.38 5.32
H211 M0P B . 6.25 12.63 5.30
H213 M0P B . 5.70 11.21 5.48
H161 M0P B . 3.47 13.49 0.19
#